data_5RZ6
#
_entry.id   5RZ6
#
_cell.length_a   38.630
_cell.length_b   77.380
_cell.length_c   99.660
_cell.angle_alpha   90.000
_cell.angle_beta   90.000
_cell.angle_gamma   90.000
#
_symmetry.space_group_name_H-M   'P 21 21 21'
#
loop_
_entity.id
_entity.type
_entity.pdbx_description
1 polymer 'Isoform 2 of Band 4.1-like protein 3'
2 non-polymer ~{N}-(4-fluorophenyl)-4-methyl-piperazine-1-carboxamide
3 non-polymer 'DIMETHYL SULFOXIDE'
4 non-polymer 1,2-ETHANEDIOL
5 water water
#
_entity_poly.entity_id   1
_entity_poly.type   'polypeptide(L)'
_entity_poly.pdbx_seq_one_letter_code
;SMPKSMQCKVILLDGSEYTCDVEKRSRGQVLFDKVCEHLNLLEKDYFGLTYRDAENQKNWLDPAKEIKKQVRSGAWHFSF
NVKFYPPDPAQLSEDITRYYLCLQLRDDIVSGRLPCSFVTLALLGSYTVQSELGDYDPDECGSDYISEFRFAPNHTKELE
DKVIELHKSHRGMTPAEAEMHFLENAKKLSMYGVDLHHAKDSEGVEIMLGVCASGLLIYRDRLRINRFAWPKVLKISYKR
NNFYIKIRPGEFEQFESTIGFKLPNHRAAKRLWKVCVEHHTFFRLL
;
_entity_poly.pdbx_strand_id   A
#
loop_
_chem_comp.id
_chem_comp.type
_chem_comp.name
_chem_comp.formula
AWD non-polymer ~{N}-(4-fluorophenyl)-4-methyl-piperazine-1-carboxamide 'C12 H16 F N3 O'
DMS non-polymer 'DIMETHYL SULFOXIDE' 'C2 H6 O S'
EDO non-polymer 1,2-ETHANEDIOL 'C2 H6 O2'
#
# COMPACT_ATOMS: atom_id res chain seq x y z
N PRO A 3 20.14 -8.88 -29.20
CA PRO A 3 18.90 -9.01 -28.40
C PRO A 3 18.55 -7.67 -27.73
N LYS A 4 17.52 -6.98 -28.22
CA LYS A 4 17.29 -5.56 -27.90
C LYS A 4 16.70 -5.38 -26.50
N SER A 5 17.28 -4.45 -25.73
N SER A 5 17.33 -4.52 -25.71
CA SER A 5 16.94 -4.22 -24.30
CA SER A 5 16.95 -4.22 -24.31
C SER A 5 16.42 -2.79 -24.08
C SER A 5 16.15 -2.91 -24.26
N MET A 6 15.48 -2.66 -23.14
CA MET A 6 14.85 -1.37 -22.84
C MET A 6 15.34 -0.98 -21.45
N GLN A 7 15.69 0.29 -21.27
CA GLN A 7 16.11 0.81 -19.97
C GLN A 7 14.87 0.96 -19.08
N CYS A 8 14.94 0.49 -17.85
CA CYS A 8 13.85 0.62 -16.86
C CYS A 8 14.33 1.49 -15.73
N LYS A 9 13.48 2.42 -15.28
CA LYS A 9 13.79 3.21 -14.08
C LYS A 9 12.71 2.93 -13.01
N VAL A 10 13.18 2.64 -11.80
CA VAL A 10 12.28 2.22 -10.71
C VAL A 10 12.50 3.15 -9.53
N ILE A 11 11.48 3.86 -9.11
CA ILE A 11 11.58 4.66 -7.86
C ILE A 11 11.44 3.67 -6.69
N LEU A 12 12.44 3.68 -5.82
CA LEU A 12 12.47 2.79 -4.65
C LEU A 12 11.80 3.48 -3.47
N LEU A 13 11.55 2.73 -2.41
CA LEU A 13 10.74 3.26 -1.29
C LEU A 13 11.55 4.27 -0.49
N ASP A 14 12.89 4.31 -0.63
CA ASP A 14 13.72 5.36 0.04
C ASP A 14 13.81 6.58 -0.88
N GLY A 15 13.11 6.59 -2.02
CA GLY A 15 13.04 7.78 -2.90
C GLY A 15 14.16 7.81 -3.94
N SER A 16 15.09 6.88 -3.86
CA SER A 16 16.17 6.74 -4.86
C SER A 16 15.66 5.97 -6.08
N GLU A 17 16.49 5.96 -7.12
CA GLU A 17 16.14 5.44 -8.46
C GLU A 17 17.06 4.25 -8.75
N TYR A 18 16.48 3.11 -9.10
CA TYR A 18 17.22 1.93 -9.63
C TYR A 18 17.01 1.88 -11.13
N THR A 19 18.10 1.72 -11.88
CA THR A 19 18.07 1.64 -13.35
C THR A 19 18.64 0.30 -13.73
N CYS A 20 18.00 -0.39 -14.66
CA CYS A 20 18.49 -1.64 -15.26
C CYS A 20 17.96 -1.75 -16.68
N ASP A 21 18.40 -2.78 -17.39
CA ASP A 21 17.96 -3.04 -18.77
C ASP A 21 17.28 -4.40 -18.73
N VAL A 22 16.21 -4.56 -19.48
CA VAL A 22 15.60 -5.88 -19.73
C VAL A 22 15.34 -6.05 -21.22
N GLU A 23 15.27 -7.28 -21.69
CA GLU A 23 14.91 -7.54 -23.09
C GLU A 23 13.52 -6.97 -23.36
N LYS A 24 13.30 -6.32 -24.50
CA LYS A 24 12.07 -5.50 -24.72
C LYS A 24 10.79 -6.34 -24.69
N ARG A 25 10.86 -7.67 -24.88
CA ARG A 25 9.70 -8.61 -24.80
C ARG A 25 9.56 -9.22 -23.39
N SER A 26 10.30 -8.72 -22.42
CA SER A 26 10.34 -9.26 -21.04
C SER A 26 8.98 -9.11 -20.36
N ARG A 27 8.62 -10.13 -19.60
CA ARG A 27 7.44 -10.14 -18.68
C ARG A 27 7.81 -9.35 -17.43
N GLY A 28 6.80 -8.85 -16.72
CA GLY A 28 7.04 -8.02 -15.53
C GLY A 28 7.95 -8.72 -14.52
N GLN A 29 7.79 -10.03 -14.36
CA GLN A 29 8.53 -10.79 -13.32
C GLN A 29 10.01 -10.56 -13.47
N VAL A 30 10.49 -10.45 -14.71
CA VAL A 30 11.95 -10.31 -14.99
C VAL A 30 12.44 -9.06 -14.26
N LEU A 31 11.76 -7.92 -14.47
CA LEU A 31 12.17 -6.64 -13.85
C LEU A 31 12.00 -6.72 -12.33
N PHE A 32 10.88 -7.24 -11.88
CA PHE A 32 10.59 -7.38 -10.44
C PHE A 32 11.70 -8.18 -9.75
N ASP A 33 12.12 -9.29 -10.34
CA ASP A 33 13.20 -10.14 -9.77
C ASP A 33 14.49 -9.30 -9.66
N LYS A 34 14.86 -8.53 -10.68
CA LYS A 34 16.05 -7.66 -10.62
C LYS A 34 15.93 -6.66 -9.46
N VAL A 35 14.78 -6.03 -9.31
CA VAL A 35 14.61 -5.00 -8.28
C VAL A 35 14.73 -5.64 -6.90
N CYS A 36 14.05 -6.77 -6.70
CA CYS A 36 14.06 -7.49 -5.42
C CYS A 36 15.48 -7.96 -5.07
N GLU A 37 16.22 -8.46 -6.06
CA GLU A 37 17.64 -8.83 -5.83
C GLU A 37 18.43 -7.59 -5.41
N HIS A 38 18.25 -6.44 -6.08
CA HIS A 38 18.91 -5.18 -5.68
C HIS A 38 18.61 -4.85 -4.21
N LEU A 39 17.38 -5.09 -3.78
CA LEU A 39 16.88 -4.69 -2.44
C LEU A 39 17.24 -5.76 -1.40
N ASN A 40 17.84 -6.88 -1.81
CA ASN A 40 18.09 -8.04 -0.91
C ASN A 40 16.79 -8.53 -0.25
N LEU A 41 15.72 -8.55 -1.03
CA LEU A 41 14.36 -8.91 -0.55
C LEU A 41 14.00 -10.33 -1.01
N LEU A 42 13.73 -11.20 -0.04
CA LEU A 42 13.33 -12.60 -0.29
C LEU A 42 11.83 -12.80 -0.15
N GLU A 43 11.19 -12.07 0.77
CA GLU A 43 9.74 -12.18 0.99
C GLU A 43 9.04 -11.30 -0.03
N LYS A 44 9.10 -11.69 -1.30
CA LYS A 44 8.71 -10.84 -2.43
C LYS A 44 7.18 -10.80 -2.64
N ASP A 45 6.45 -11.78 -2.09
CA ASP A 45 5.01 -11.99 -2.41
C ASP A 45 4.15 -10.78 -2.02
N TYR A 46 4.58 -9.96 -1.06
CA TYR A 46 3.81 -8.79 -0.55
C TYR A 46 3.99 -7.55 -1.46
N PHE A 47 4.91 -7.60 -2.42
CA PHE A 47 5.33 -6.38 -3.18
C PHE A 47 4.98 -6.48 -4.66
N GLY A 48 5.15 -5.36 -5.37
CA GLY A 48 4.86 -5.24 -6.79
C GLY A 48 5.51 -4.03 -7.35
N LEU A 49 5.43 -3.89 -8.66
CA LEU A 49 5.78 -2.61 -9.31
C LEU A 49 4.51 -1.95 -9.80
N THR A 50 4.48 -0.62 -9.78
CA THR A 50 3.37 0.17 -10.33
C THR A 50 3.93 0.94 -11.50
N TYR A 51 3.07 1.29 -12.42
CA TYR A 51 3.36 2.27 -13.47
C TYR A 51 2.11 3.13 -13.63
N ARG A 52 2.25 4.21 -14.38
CA ARG A 52 1.14 5.15 -14.68
C ARG A 52 0.68 4.92 -16.10
N ASP A 53 -0.63 4.78 -16.31
CA ASP A 53 -1.23 4.51 -17.64
C ASP A 53 -1.38 5.86 -18.34
N ALA A 54 -1.94 5.83 -19.57
CA ALA A 54 -2.06 7.02 -20.45
C ALA A 54 -2.99 8.04 -19.80
N GLU A 55 -3.85 7.61 -18.85
CA GLU A 55 -4.75 8.51 -18.05
C GLU A 55 -4.07 8.95 -16.75
N ASN A 56 -2.75 8.69 -16.58
CA ASN A 56 -1.97 8.95 -15.32
C ASN A 56 -2.56 8.21 -14.11
N GLN A 57 -3.17 7.05 -14.29
CA GLN A 57 -3.68 6.28 -13.13
C GLN A 57 -2.59 5.27 -12.76
N LYS A 58 -2.42 5.00 -11.47
CA LYS A 58 -1.49 3.94 -10.98
C LYS A 58 -2.08 2.59 -11.37
N ASN A 59 -1.25 1.72 -11.94
CA ASN A 59 -1.61 0.33 -12.26
C ASN A 59 -0.53 -0.58 -11.72
N TRP A 60 -0.89 -1.77 -11.24
CA TRP A 60 0.11 -2.80 -10.95
C TRP A 60 0.66 -3.38 -12.24
N LEU A 61 1.97 -3.50 -12.33
CA LEU A 61 2.61 -4.28 -13.42
C LEU A 61 2.31 -5.76 -13.16
N ASP A 62 1.63 -6.41 -14.11
CA ASP A 62 1.33 -7.86 -13.99
C ASP A 62 2.60 -8.62 -14.32
N PRO A 63 3.17 -9.38 -13.36
CA PRO A 63 4.44 -10.04 -13.62
C PRO A 63 4.36 -11.17 -14.64
N ALA A 64 3.17 -11.65 -14.92
CA ALA A 64 2.96 -12.75 -15.90
C ALA A 64 2.84 -12.19 -17.33
N LYS A 65 2.68 -10.89 -17.49
CA LYS A 65 2.44 -10.30 -18.84
C LYS A 65 3.64 -9.48 -19.31
N GLU A 66 3.77 -9.33 -20.62
CA GLU A 66 4.85 -8.50 -21.21
C GLU A 66 4.75 -7.06 -20.66
N ILE A 67 5.88 -6.50 -20.31
CA ILE A 67 5.97 -5.10 -19.83
C ILE A 67 5.45 -4.18 -20.93
N LYS A 68 5.93 -4.42 -22.15
CA LYS A 68 5.56 -3.53 -23.29
C LYS A 68 4.05 -3.44 -23.50
N LYS A 69 3.32 -4.54 -23.27
CA LYS A 69 1.85 -4.60 -23.49
C LYS A 69 1.09 -3.89 -22.36
N GLN A 70 1.78 -3.55 -21.27
CA GLN A 70 1.15 -2.84 -20.13
C GLN A 70 1.51 -1.35 -20.22
N VAL A 71 2.80 -1.00 -20.35
CA VAL A 71 3.21 0.42 -20.40
C VAL A 71 2.81 1.02 -21.76
N ARG A 72 2.66 0.16 -22.76
CA ARG A 72 2.17 0.54 -24.13
C ARG A 72 2.93 1.75 -24.65
N SER A 73 2.30 2.94 -24.68
CA SER A 73 2.91 4.11 -25.33
C SER A 73 3.81 4.86 -24.34
N GLY A 74 3.76 4.52 -23.05
CA GLY A 74 4.38 5.33 -21.99
C GLY A 74 5.83 4.94 -21.73
N ALA A 75 6.46 5.69 -20.85
CA ALA A 75 7.86 5.47 -20.48
C ALA A 75 7.96 4.22 -19.64
N TRP A 76 9.13 3.57 -19.66
CA TRP A 76 9.42 2.38 -18.80
C TRP A 76 9.90 2.86 -17.44
N HIS A 77 8.98 3.53 -16.76
CA HIS A 77 9.18 4.10 -15.42
C HIS A 77 8.18 3.49 -14.44
N PHE A 78 8.68 3.09 -13.29
CA PHE A 78 7.91 2.26 -12.33
C PHE A 78 8.21 2.76 -10.93
N SER A 79 7.37 2.36 -9.98
CA SER A 79 7.66 2.46 -8.55
C SER A 79 7.60 1.07 -7.93
N PHE A 80 8.43 0.87 -6.91
CA PHE A 80 8.38 -0.37 -6.11
C PHE A 80 7.51 -0.11 -4.88
N ASN A 81 6.51 -0.96 -4.64
CA ASN A 81 5.45 -0.70 -3.65
C ASN A 81 5.05 -1.99 -2.95
N VAL A 82 4.48 -1.81 -1.77
CA VAL A 82 3.74 -2.89 -1.08
C VAL A 82 2.41 -3.08 -1.82
N LYS A 83 2.10 -4.31 -2.24
CA LYS A 83 0.86 -4.66 -2.94
C LYS A 83 -0.13 -5.25 -1.94
N PHE A 84 0.34 -6.19 -1.14
CA PHE A 84 -0.51 -6.87 -0.13
C PHE A 84 0.03 -6.53 1.24
N TYR A 85 -0.70 -5.73 2.03
CA TYR A 85 -0.21 -5.31 3.37
C TYR A 85 -0.52 -6.43 4.35
N PRO A 86 0.50 -7.03 4.98
CA PRO A 86 0.24 -8.13 5.91
C PRO A 86 -0.55 -7.66 7.12
N PRO A 87 -1.66 -8.35 7.50
CA PRO A 87 -2.40 -7.94 8.68
C PRO A 87 -1.56 -8.07 9.96
N ASP A 88 -0.61 -8.99 9.99
CA ASP A 88 0.25 -9.19 11.17
C ASP A 88 1.72 -9.22 10.78
N PRO A 89 2.33 -8.02 10.65
CA PRO A 89 3.72 -7.95 10.22
C PRO A 89 4.71 -8.70 11.12
N ALA A 90 4.33 -9.03 12.35
CA ALA A 90 5.23 -9.81 13.25
C ALA A 90 5.42 -11.21 12.66
N GLN A 91 4.52 -11.65 11.81
CA GLN A 91 4.56 -13.03 11.24
C GLN A 91 5.51 -13.06 10.04
N LEU A 92 5.97 -11.91 9.53
CA LEU A 92 6.97 -11.95 8.41
C LEU A 92 8.27 -12.56 8.93
N SER A 93 8.95 -13.31 8.06
CA SER A 93 10.19 -14.05 8.42
C SER A 93 11.34 -13.08 8.67
N GLU A 94 11.49 -12.06 7.81
CA GLU A 94 12.72 -11.22 7.80
C GLU A 94 12.46 -9.78 8.22
N ASP A 95 13.40 -9.25 8.98
CA ASP A 95 13.42 -7.85 9.39
C ASP A 95 13.44 -6.99 8.13
N ILE A 96 14.13 -7.40 7.08
CA ILE A 96 14.27 -6.46 5.93
C ILE A 96 12.90 -6.28 5.28
N THR A 97 12.05 -7.31 5.32
CA THR A 97 10.68 -7.20 4.78
C THR A 97 9.94 -6.13 5.59
N ARG A 98 10.05 -6.21 6.92
CA ARG A 98 9.38 -5.24 7.80
C ARG A 98 9.90 -3.82 7.52
N TYR A 99 11.18 -3.71 7.17
CA TYR A 99 11.82 -2.40 6.89
C TYR A 99 11.15 -1.78 5.66
N TYR A 100 11.06 -2.53 4.57
CA TYR A 100 10.41 -2.01 3.33
C TYR A 100 8.95 -1.67 3.62
N LEU A 101 8.24 -2.51 4.40
CA LEU A 101 6.83 -2.23 4.74
C LEU A 101 6.78 -0.91 5.53
N CYS A 102 7.70 -0.69 6.46
CA CYS A 102 7.78 0.62 7.18
C CYS A 102 8.00 1.75 6.17
N LEU A 103 8.91 1.59 5.22
CA LEU A 103 9.15 2.70 4.27
C LEU A 103 7.83 2.99 3.55
N GLN A 104 7.12 1.96 3.10
CA GLN A 104 5.86 2.21 2.34
C GLN A 104 4.87 2.99 3.21
N LEU A 105 4.70 2.54 4.46
CA LEU A 105 3.72 3.12 5.38
C LEU A 105 4.09 4.56 5.68
N ARG A 106 5.37 4.86 5.76
CA ARG A 106 5.80 6.25 5.99
C ARG A 106 5.31 7.12 4.82
N ASP A 107 5.38 6.64 3.59
CA ASP A 107 4.85 7.37 2.40
C ASP A 107 3.33 7.40 2.41
N ASP A 108 2.69 6.34 2.84
CA ASP A 108 1.22 6.33 2.96
C ASP A 108 0.80 7.42 3.97
N ILE A 109 1.56 7.60 5.03
CA ILE A 109 1.19 8.61 6.06
C ILE A 109 1.44 10.01 5.51
N VAL A 110 2.63 10.30 5.00
CA VAL A 110 3.01 11.68 4.57
C VAL A 110 2.07 12.12 3.45
N SER A 111 1.74 11.18 2.55
CA SER A 111 0.87 11.40 1.37
C SER A 111 -0.59 11.66 1.79
N GLY A 112 -0.98 11.35 3.04
CA GLY A 112 -2.36 11.37 3.54
C GLY A 112 -3.26 10.22 3.08
N ARG A 113 -2.73 9.21 2.38
CA ARG A 113 -3.48 7.97 2.08
C ARG A 113 -3.84 7.23 3.36
N LEU A 114 -3.04 7.36 4.40
CA LEU A 114 -3.26 6.63 5.69
C LEU A 114 -3.45 7.64 6.80
N PRO A 115 -4.71 8.01 7.11
CA PRO A 115 -5.00 9.05 8.07
C PRO A 115 -4.60 8.51 9.43
N CYS A 116 -4.21 9.40 10.32
N CYS A 116 -3.98 9.37 10.24
CA CYS A 116 -3.53 9.06 11.58
CA CYS A 116 -3.51 9.09 11.62
C CYS A 116 -3.72 10.20 12.59
C CYS A 116 -3.95 10.21 12.55
N SER A 117 -4.09 9.90 13.83
CA SER A 117 -4.21 10.88 14.91
C SER A 117 -2.85 11.54 15.14
N PHE A 118 -2.86 12.72 15.74
CA PHE A 118 -1.65 13.43 16.19
C PHE A 118 -0.73 12.49 16.98
N VAL A 119 -1.30 11.79 17.96
CA VAL A 119 -0.49 10.99 18.88
C VAL A 119 0.13 9.82 18.11
N THR A 120 -0.63 9.17 17.24
CA THR A 120 -0.08 8.05 16.44
C THR A 120 0.96 8.59 15.46
N LEU A 121 0.75 9.74 14.82
CA LEU A 121 1.81 10.33 13.97
C LEU A 121 3.11 10.47 14.79
N ALA A 122 3.01 11.00 16.00
CA ALA A 122 4.18 11.23 16.87
C ALA A 122 4.85 9.92 17.30
N LEU A 123 4.04 8.90 17.61
CA LEU A 123 4.58 7.60 18.04
C LEU A 123 5.26 6.93 16.85
N LEU A 124 4.63 6.92 15.68
CA LEU A 124 5.25 6.30 14.48
C LEU A 124 6.55 7.07 14.18
N GLY A 125 6.53 8.40 14.16
CA GLY A 125 7.75 9.20 13.94
C GLY A 125 8.85 8.81 14.93
N SER A 126 8.53 8.71 16.21
CA SER A 126 9.51 8.39 17.27
C SER A 126 10.18 7.04 17.02
N TYR A 127 9.47 6.04 16.50
CA TYR A 127 10.05 4.72 16.20
C TYR A 127 10.98 4.84 14.98
N THR A 128 10.56 5.54 13.96
CA THR A 128 11.44 5.78 12.78
C THR A 128 12.74 6.44 13.26
N VAL A 129 12.64 7.50 14.07
CA VAL A 129 13.84 8.24 14.53
C VAL A 129 14.73 7.26 15.30
N GLN A 130 14.14 6.46 16.18
CA GLN A 130 14.91 5.52 17.02
C GLN A 130 15.64 4.51 16.11
N SER A 131 14.93 3.95 15.12
N SER A 131 14.93 3.98 15.10
CA SER A 131 15.51 2.96 14.18
CA SER A 131 15.47 2.95 14.17
C SER A 131 16.69 3.61 13.44
C SER A 131 16.62 3.55 13.33
N GLU A 132 16.48 4.81 12.91
CA GLU A 132 17.43 5.45 11.96
C GLU A 132 18.56 6.23 12.64
N LEU A 133 18.34 6.87 13.77
CA LEU A 133 19.42 7.60 14.50
C LEU A 133 19.88 6.82 15.73
N GLY A 134 19.10 5.88 16.24
CA GLY A 134 19.40 5.24 17.54
C GLY A 134 19.01 6.18 18.67
N ASP A 135 19.67 6.04 19.82
CA ASP A 135 19.21 6.66 21.09
C ASP A 135 19.15 8.16 20.98
N TYR A 136 18.17 8.78 21.62
CA TYR A 136 18.00 10.24 21.69
C TYR A 136 19.30 10.90 22.19
N ASP A 137 19.67 12.00 21.54
CA ASP A 137 20.81 12.86 21.92
C ASP A 137 20.37 14.33 22.02
N PRO A 138 20.47 14.97 23.20
CA PRO A 138 20.09 16.37 23.37
C PRO A 138 20.92 17.35 22.54
N ASP A 139 22.17 16.98 22.20
CA ASP A 139 23.14 17.84 21.48
C ASP A 139 22.54 18.26 20.14
N GLU A 140 22.00 17.31 19.38
CA GLU A 140 21.39 17.53 18.04
C GLU A 140 20.18 18.46 18.18
N CYS A 141 19.26 18.13 19.09
CA CYS A 141 17.93 18.77 19.23
C CYS A 141 17.90 19.76 20.40
N GLY A 142 17.76 21.05 20.10
CA GLY A 142 17.43 22.09 21.09
C GLY A 142 15.93 22.25 21.20
N SER A 143 15.46 23.27 21.92
CA SER A 143 14.00 23.57 22.04
C SER A 143 13.39 23.81 20.64
N ASP A 144 14.21 24.24 19.67
CA ASP A 144 13.78 24.69 18.32
C ASP A 144 14.08 23.62 17.26
N TYR A 145 14.20 22.35 17.64
CA TYR A 145 14.54 21.25 16.70
C TYR A 145 13.37 20.97 15.74
N ILE A 146 13.69 20.84 14.45
CA ILE A 146 12.80 20.31 13.37
C ILE A 146 13.56 19.22 12.58
N SER A 147 13.11 17.96 12.70
CA SER A 147 13.71 16.79 12.01
C SER A 147 13.68 17.01 10.51
N GLU A 148 14.66 16.44 9.81
CA GLU A 148 14.64 16.30 8.33
C GLU A 148 13.54 15.30 7.95
N PHE A 149 13.23 14.37 8.86
CA PHE A 149 12.27 13.27 8.66
C PHE A 149 10.91 13.91 8.47
N ARG A 150 10.23 13.41 7.45
CA ARG A 150 8.83 13.70 7.08
C ARG A 150 7.97 12.68 7.82
N PHE A 151 7.10 13.18 8.68
CA PHE A 151 6.26 12.36 9.59
C PHE A 151 4.77 12.43 9.26
N ALA A 152 4.30 13.44 8.54
CA ALA A 152 2.87 13.73 8.43
C ALA A 152 2.60 14.59 7.22
N PRO A 153 1.36 14.60 6.73
CA PRO A 153 1.00 15.43 5.58
C PRO A 153 1.23 16.92 5.89
N ASN A 154 1.12 17.29 7.16
CA ASN A 154 1.37 18.70 7.62
C ASN A 154 2.13 18.66 8.93
N HIS A 155 3.30 19.30 8.96
CA HIS A 155 4.17 19.32 10.15
C HIS A 155 3.89 20.56 10.98
N THR A 156 3.79 20.36 12.28
CA THR A 156 3.70 21.45 13.28
C THR A 156 4.83 21.29 14.28
N LYS A 157 5.17 22.40 14.93
CA LYS A 157 6.17 22.40 16.00
C LYS A 157 5.71 21.44 17.11
N GLU A 158 4.41 21.45 17.44
CA GLU A 158 3.83 20.55 18.47
C GLU A 158 4.17 19.10 18.10
N LEU A 159 3.98 18.72 16.84
CA LEU A 159 4.24 17.32 16.42
C LEU A 159 5.73 17.00 16.58
N GLU A 160 6.61 17.90 16.12
CA GLU A 160 8.07 17.72 16.27
C GLU A 160 8.44 17.50 17.73
N ASP A 161 7.85 18.29 18.62
CA ASP A 161 8.09 18.24 20.08
C ASP A 161 7.69 16.86 20.62
N LYS A 162 6.56 16.36 20.15
CA LYS A 162 6.03 15.09 20.68
C LYS A 162 6.86 13.92 20.17
N VAL A 163 7.26 13.92 18.90
CA VAL A 163 8.23 12.91 18.39
C VAL A 163 9.45 12.85 19.33
N ILE A 164 10.03 13.99 19.65
CA ILE A 164 11.25 14.06 20.50
C ILE A 164 10.91 13.48 21.87
N GLU A 165 9.77 13.91 22.46
CA GLU A 165 9.41 13.42 23.83
C GLU A 165 9.30 11.90 23.82
N LEU A 166 8.69 11.29 22.78
CA LEU A 166 8.55 9.81 22.72
C LEU A 166 9.89 9.15 22.34
N HIS A 167 10.67 9.79 21.50
CA HIS A 167 12.00 9.27 21.13
C HIS A 167 12.82 9.06 22.42
N LYS A 168 12.76 10.03 23.32
CA LYS A 168 13.51 9.90 24.59
C LYS A 168 13.16 8.58 25.30
N SER A 169 11.90 8.12 25.24
CA SER A 169 11.41 6.94 25.98
C SER A 169 11.97 5.65 25.36
N HIS A 170 12.53 5.70 24.15
CA HIS A 170 12.93 4.47 23.41
C HIS A 170 14.42 4.15 23.58
N ARG A 171 15.12 4.71 24.57
CA ARG A 171 16.57 4.44 24.75
C ARG A 171 16.81 2.92 24.85
N GLY A 172 17.79 2.41 24.09
CA GLY A 172 18.21 1.00 24.09
C GLY A 172 17.53 0.22 22.98
N MET A 173 16.62 0.85 22.24
CA MET A 173 15.78 0.11 21.27
C MET A 173 16.60 -0.07 20.00
N THR A 174 16.58 -1.28 19.43
CA THR A 174 17.36 -1.59 18.23
C THR A 174 16.48 -1.32 17.00
N PRO A 175 17.06 -1.18 15.80
CA PRO A 175 16.27 -0.83 14.62
C PRO A 175 15.13 -1.81 14.32
N ALA A 176 15.38 -3.13 14.34
CA ALA A 176 14.31 -4.13 14.05
C ALA A 176 13.25 -3.99 15.12
N GLU A 177 13.66 -3.76 16.37
CA GLU A 177 12.69 -3.66 17.50
C GLU A 177 11.79 -2.41 17.28
N ALA A 178 12.39 -1.31 16.86
CA ALA A 178 11.66 -0.03 16.68
C ALA A 178 10.73 -0.19 15.46
N GLU A 179 11.23 -0.83 14.40
CA GLU A 179 10.42 -1.08 13.18
C GLU A 179 9.26 -2.00 13.51
N MET A 180 9.47 -3.02 14.35
CA MET A 180 8.35 -3.86 14.78
C MET A 180 7.32 -3.01 15.56
N HIS A 181 7.73 -2.13 16.48
CA HIS A 181 6.76 -1.30 17.22
C HIS A 181 6.03 -0.37 16.25
N PHE A 182 6.77 0.18 15.29
CA PHE A 182 6.13 1.02 14.25
C PHE A 182 4.94 0.23 13.67
N LEU A 183 5.21 -0.99 13.22
CA LEU A 183 4.22 -1.82 12.52
C LEU A 183 3.08 -2.27 13.42
N GLU A 184 3.34 -2.56 14.70
CA GLU A 184 2.30 -2.98 15.68
C GLU A 184 1.30 -1.85 15.84
N ASN A 185 1.76 -0.58 15.76
CA ASN A 185 0.86 0.59 15.81
C ASN A 185 0.17 0.81 14.46
N ALA A 186 0.93 0.85 13.37
CA ALA A 186 0.35 1.19 12.04
C ALA A 186 -0.74 0.21 11.63
N LYS A 187 -0.55 -1.08 11.95
CA LYS A 187 -1.42 -2.19 11.48
C LYS A 187 -2.83 -1.99 12.03
N LYS A 188 -2.99 -1.19 13.10
CA LYS A 188 -4.28 -1.02 13.78
C LYS A 188 -5.09 0.11 13.17
N LEU A 189 -4.46 0.94 12.34
CA LEU A 189 -5.11 2.16 11.81
C LEU A 189 -6.26 1.72 10.89
N SER A 190 -7.38 2.39 10.98
CA SER A 190 -8.60 1.94 10.26
C SER A 190 -8.35 1.88 8.76
N MET A 191 -7.40 2.66 8.20
CA MET A 191 -7.16 2.62 6.73
C MET A 191 -5.87 1.88 6.37
N TYR A 192 -5.29 1.12 7.29
CA TYR A 192 -4.08 0.32 7.00
C TYR A 192 -4.34 -0.65 5.85
N GLY A 193 -3.50 -0.56 4.83
CA GLY A 193 -3.52 -1.44 3.63
C GLY A 193 -4.83 -1.37 2.86
N VAL A 194 -5.59 -0.28 2.96
CA VAL A 194 -6.88 -0.13 2.22
C VAL A 194 -6.56 0.62 0.94
N ASP A 195 -6.79 -0.02 -0.20
CA ASP A 195 -6.70 0.58 -1.55
C ASP A 195 -8.08 1.18 -1.86
N LEU A 196 -8.19 2.50 -2.03
CA LEU A 196 -9.50 3.19 -2.16
C LEU A 196 -9.81 3.51 -3.62
N HIS A 197 -11.05 3.28 -4.00
CA HIS A 197 -11.54 3.51 -5.38
C HIS A 197 -12.81 4.35 -5.31
N HIS A 198 -12.83 5.52 -5.94
CA HIS A 198 -14.04 6.34 -6.16
C HIS A 198 -15.07 5.58 -7.00
N ALA A 199 -16.34 5.62 -6.60
CA ALA A 199 -17.46 4.93 -7.29
C ALA A 199 -18.79 5.61 -6.97
N LYS A 200 -19.85 5.14 -7.63
CA LYS A 200 -21.25 5.52 -7.30
C LYS A 200 -22.05 4.25 -7.07
N ASP A 201 -23.05 4.30 -6.18
CA ASP A 201 -23.88 3.12 -5.88
C ASP A 201 -24.92 3.03 -6.99
N SER A 202 -25.72 1.96 -7.02
CA SER A 202 -26.75 1.70 -8.07
C SER A 202 -27.81 2.81 -8.07
N GLU A 203 -27.70 3.84 -7.22
CA GLU A 203 -28.61 5.01 -7.21
C GLU A 203 -27.89 6.28 -7.70
N GLY A 204 -26.57 6.29 -7.84
CA GLY A 204 -25.79 7.49 -8.22
C GLY A 204 -25.17 8.22 -7.03
N VAL A 205 -25.25 7.67 -5.81
CA VAL A 205 -24.62 8.28 -4.61
C VAL A 205 -23.12 7.97 -4.67
N GLU A 206 -22.28 9.00 -4.53
CA GLU A 206 -20.81 8.91 -4.53
C GLU A 206 -20.39 8.14 -3.28
N ILE A 207 -19.63 7.08 -3.48
CA ILE A 207 -19.11 6.25 -2.36
C ILE A 207 -17.63 6.02 -2.64
N MET A 208 -16.96 5.38 -1.69
CA MET A 208 -15.58 4.82 -1.80
C MET A 208 -15.68 3.29 -1.68
N LEU A 209 -14.92 2.55 -2.49
CA LEU A 209 -14.74 1.09 -2.27
C LEU A 209 -13.30 0.87 -1.79
N GLY A 210 -13.15 0.17 -0.68
CA GLY A 210 -11.81 -0.10 -0.14
C GLY A 210 -11.48 -1.56 -0.34
N VAL A 211 -10.29 -1.84 -0.82
CA VAL A 211 -9.89 -3.26 -0.99
C VAL A 211 -8.79 -3.55 0.04
N CYS A 212 -8.93 -4.63 0.78
CA CYS A 212 -7.93 -4.94 1.82
C CYS A 212 -7.98 -6.41 2.17
N ALA A 213 -7.10 -6.82 3.06
CA ALA A 213 -6.95 -8.22 3.52
C ALA A 213 -8.31 -8.82 3.91
N SER A 214 -9.13 -8.07 4.64
CA SER A 214 -10.33 -8.67 5.29
C SER A 214 -11.49 -8.68 4.29
N GLY A 215 -11.49 -7.76 3.32
CA GLY A 215 -12.49 -7.88 2.26
C GLY A 215 -12.69 -6.61 1.51
N LEU A 216 -13.91 -6.38 1.09
CA LEU A 216 -14.29 -5.19 0.34
C LEU A 216 -15.09 -4.29 1.27
N LEU A 217 -14.67 -3.03 1.41
CA LEU A 217 -15.38 -2.09 2.31
C LEU A 217 -16.13 -1.10 1.44
N ILE A 218 -17.33 -0.71 1.86
CA ILE A 218 -18.07 0.38 1.17
C ILE A 218 -18.21 1.53 2.16
N TYR A 219 -17.64 2.69 1.82
CA TYR A 219 -17.73 3.95 2.59
C TYR A 219 -18.80 4.85 1.95
N ARG A 220 -19.98 4.90 2.56
CA ARG A 220 -21.13 5.74 2.11
C ARG A 220 -21.15 7.02 2.95
N ASP A 221 -20.00 7.35 3.55
CA ASP A 221 -19.75 8.57 4.36
C ASP A 221 -19.46 8.14 5.81
N ARG A 222 -19.17 9.12 6.67
CA ARG A 222 -18.59 8.91 8.04
C ARG A 222 -19.44 7.89 8.81
N LEU A 223 -20.75 7.82 8.52
CA LEU A 223 -21.66 6.84 9.15
C LEU A 223 -22.34 5.98 8.08
N ARG A 224 -22.24 4.66 8.24
CA ARG A 224 -22.78 3.62 7.32
C ARG A 224 -21.64 3.11 6.43
N ILE A 225 -20.78 2.26 7.02
CA ILE A 225 -19.70 1.50 6.33
C ILE A 225 -20.11 0.03 6.26
N ASN A 226 -20.33 -0.49 5.04
CA ASN A 226 -20.64 -1.92 4.80
C ASN A 226 -19.34 -2.66 4.51
N ARG A 227 -19.26 -3.94 4.89
CA ARG A 227 -18.05 -4.78 4.74
C ARG A 227 -18.45 -6.15 4.18
N PHE A 228 -17.71 -6.64 3.19
CA PHE A 228 -17.91 -7.98 2.59
C PHE A 228 -16.61 -8.72 2.74
N ALA A 229 -16.50 -9.58 3.76
CA ALA A 229 -15.35 -10.48 3.95
C ALA A 229 -15.16 -11.30 2.67
N TRP A 230 -13.91 -11.56 2.29
CA TRP A 230 -13.57 -12.25 1.02
C TRP A 230 -14.28 -13.61 0.89
N PRO A 231 -14.38 -14.42 1.97
CA PRO A 231 -15.06 -15.70 1.88
C PRO A 231 -16.53 -15.54 1.41
N LYS A 232 -17.18 -14.43 1.76
CA LYS A 232 -18.61 -14.15 1.41
C LYS A 232 -18.77 -13.73 -0.06
N VAL A 233 -17.68 -13.69 -0.84
CA VAL A 233 -17.68 -13.20 -2.26
C VAL A 233 -17.31 -14.37 -3.17
N LEU A 234 -18.23 -14.83 -4.04
CA LEU A 234 -17.98 -16.00 -4.94
C LEU A 234 -17.50 -15.54 -6.31
N LYS A 235 -17.95 -14.36 -6.74
CA LYS A 235 -17.65 -13.87 -8.10
C LYS A 235 -17.54 -12.35 -8.08
N ILE A 236 -16.46 -11.89 -8.69
CA ILE A 236 -16.12 -10.47 -8.96
C ILE A 236 -16.19 -10.34 -10.48
N SER A 237 -16.94 -9.39 -11.01
CA SER A 237 -17.01 -9.14 -12.47
C SER A 237 -17.10 -7.66 -12.77
N TYR A 238 -16.77 -7.28 -14.01
CA TYR A 238 -16.98 -5.90 -14.49
C TYR A 238 -17.62 -5.96 -15.88
N LYS A 239 -18.34 -4.90 -16.24
CA LYS A 239 -19.01 -4.74 -17.56
C LYS A 239 -19.17 -3.25 -17.85
N ARG A 240 -18.61 -2.76 -18.96
CA ARG A 240 -18.54 -1.32 -19.31
C ARG A 240 -18.01 -0.56 -18.09
N ASN A 241 -18.77 0.40 -17.54
CA ASN A 241 -18.27 1.27 -16.44
C ASN A 241 -18.68 0.69 -15.09
N ASN A 242 -19.19 -0.55 -15.06
CA ASN A 242 -19.81 -1.14 -13.85
C ASN A 242 -18.98 -2.30 -13.29
N PHE A 243 -19.02 -2.42 -11.96
CA PHE A 243 -18.33 -3.46 -11.19
C PHE A 243 -19.42 -4.16 -10.36
N TYR A 244 -19.37 -5.50 -10.31
CA TYR A 244 -20.34 -6.37 -9.60
C TYR A 244 -19.65 -7.36 -8.67
N ILE A 245 -20.23 -7.56 -7.48
CA ILE A 245 -19.80 -8.66 -6.57
C ILE A 245 -20.97 -9.62 -6.36
N LYS A 246 -20.71 -10.93 -6.54
CA LYS A 246 -21.70 -12.01 -6.25
C LYS A 246 -21.42 -12.55 -4.84
N ILE A 247 -22.34 -12.23 -3.92
CA ILE A 247 -22.37 -12.70 -2.51
C ILE A 247 -22.91 -14.14 -2.44
N ARG A 248 -22.25 -15.00 -1.66
CA ARG A 248 -22.77 -16.34 -1.28
C ARG A 248 -24.18 -16.17 -0.71
N PRO A 249 -25.16 -17.08 -0.97
CA PRO A 249 -26.44 -17.03 -0.25
C PRO A 249 -26.20 -17.17 1.27
N GLY A 250 -26.85 -16.33 2.08
CA GLY A 250 -26.91 -16.49 3.54
C GLY A 250 -27.60 -17.80 3.93
N GLU A 251 -27.49 -18.21 5.19
CA GLU A 251 -28.13 -19.48 5.65
C GLU A 251 -29.63 -19.36 5.36
N PHE A 252 -30.24 -20.43 4.86
CA PHE A 252 -31.70 -20.55 4.57
C PHE A 252 -32.15 -19.58 3.46
N GLU A 253 -31.25 -18.85 2.80
CA GLU A 253 -31.65 -17.96 1.68
C GLU A 253 -31.60 -18.78 0.38
N GLN A 254 -32.57 -18.56 -0.53
CA GLN A 254 -32.67 -19.38 -1.76
C GLN A 254 -31.57 -18.97 -2.76
N PHE A 255 -31.26 -17.67 -2.85
CA PHE A 255 -30.52 -17.05 -3.99
C PHE A 255 -29.25 -16.30 -3.53
N GLU A 256 -28.17 -16.47 -4.29
CA GLU A 256 -26.99 -15.55 -4.24
C GLU A 256 -27.53 -14.13 -4.35
N SER A 257 -26.76 -13.10 -4.01
CA SER A 257 -27.15 -11.70 -4.34
C SER A 257 -25.96 -11.00 -5.02
N THR A 258 -26.25 -10.21 -6.05
CA THR A 258 -25.22 -9.53 -6.90
C THR A 258 -25.30 -8.05 -6.55
N ILE A 259 -24.18 -7.38 -6.22
CA ILE A 259 -24.23 -5.92 -5.92
C ILE A 259 -23.34 -5.19 -6.93
N GLY A 260 -23.88 -4.09 -7.45
CA GLY A 260 -23.37 -3.39 -8.66
C GLY A 260 -22.95 -1.97 -8.33
N PHE A 261 -21.84 -1.52 -8.90
CA PHE A 261 -21.37 -0.12 -8.68
C PHE A 261 -20.94 0.49 -10.02
N LYS A 262 -20.99 1.82 -10.08
CA LYS A 262 -20.58 2.62 -11.26
C LYS A 262 -19.19 3.21 -11.02
N LEU A 263 -18.25 2.92 -11.91
CA LEU A 263 -16.87 3.47 -11.80
C LEU A 263 -16.69 4.62 -12.79
N PRO A 264 -15.66 5.47 -12.59
CA PRO A 264 -15.39 6.64 -13.44
C PRO A 264 -15.38 6.32 -14.94
N ASN A 265 -14.89 5.14 -15.32
CA ASN A 265 -14.75 4.70 -16.74
C ASN A 265 -14.47 3.21 -16.73
N HIS A 266 -14.32 2.63 -17.90
CA HIS A 266 -14.15 1.17 -18.08
C HIS A 266 -12.80 0.70 -17.50
N ARG A 267 -11.77 1.52 -17.67
CA ARG A 267 -10.41 1.18 -17.17
C ARG A 267 -10.47 1.08 -15.65
N ALA A 268 -11.16 2.03 -15.01
CA ALA A 268 -11.29 2.08 -13.55
C ALA A 268 -12.05 0.85 -13.06
N ALA A 269 -13.07 0.38 -13.80
CA ALA A 269 -13.82 -0.83 -13.39
C ALA A 269 -12.93 -2.06 -13.52
N LYS A 270 -12.12 -2.16 -14.57
CA LYS A 270 -11.28 -3.35 -14.80
C LYS A 270 -10.20 -3.37 -13.70
N ARG A 271 -9.66 -2.22 -13.36
CA ARG A 271 -8.57 -2.05 -12.36
C ARG A 271 -9.12 -2.48 -10.98
N LEU A 272 -10.33 -2.08 -10.66
CA LEU A 272 -10.90 -2.45 -9.34
C LEU A 272 -11.14 -3.96 -9.32
N TRP A 273 -11.70 -4.49 -10.42
CA TRP A 273 -11.92 -5.95 -10.56
C TRP A 273 -10.60 -6.70 -10.34
N LYS A 274 -9.50 -6.28 -10.98
CA LYS A 274 -8.22 -7.05 -10.94
C LYS A 274 -7.66 -7.02 -9.50
N VAL A 275 -7.66 -5.86 -8.84
CA VAL A 275 -7.09 -5.76 -7.48
C VAL A 275 -7.96 -6.59 -6.50
N CYS A 276 -9.28 -6.62 -6.67
CA CYS A 276 -10.17 -7.46 -5.82
C CYS A 276 -9.83 -8.94 -6.01
N VAL A 277 -9.75 -9.39 -7.27
CA VAL A 277 -9.43 -10.81 -7.57
C VAL A 277 -8.08 -11.12 -6.93
N GLU A 278 -7.11 -10.23 -7.09
CA GLU A 278 -5.75 -10.49 -6.56
C GLU A 278 -5.78 -10.60 -5.04
N HIS A 279 -6.47 -9.67 -4.37
CA HIS A 279 -6.58 -9.68 -2.90
C HIS A 279 -7.28 -10.96 -2.47
N HIS A 280 -8.35 -11.33 -3.15
CA HIS A 280 -9.20 -12.51 -2.77
C HIS A 280 -8.29 -13.76 -2.80
N THR A 281 -7.54 -13.91 -3.88
CA THR A 281 -6.62 -15.05 -4.07
C THR A 281 -5.52 -15.02 -3.00
N PHE A 282 -4.92 -13.86 -2.78
CA PHE A 282 -3.73 -13.77 -1.89
C PHE A 282 -4.14 -14.11 -0.46
N PHE A 283 -5.24 -13.54 0.02
CA PHE A 283 -5.59 -13.58 1.47
C PHE A 283 -6.37 -14.87 1.78
N ARG A 284 -7.06 -15.44 0.79
CA ARG A 284 -7.63 -16.81 0.88
C ARG A 284 -6.57 -17.80 1.37
N LEU A 285 -5.35 -17.76 0.82
CA LEU A 285 -4.36 -18.87 0.91
C LEU A 285 -3.70 -18.92 2.30
N LEU A 286 -3.17 -17.80 2.81
CA LEU A 286 -2.53 -17.73 4.15
C LEU A 286 -3.55 -17.18 5.14
N1 AWD B . 1.15 -17.19 -3.54
N3 AWD B . -0.78 -15.43 0.78
C4 AWD B . 0.76 -18.28 -1.26
C5 AWD B . 1.72 -18.12 -2.49
C6 AWD B . -0.03 -16.58 0.47
C7 AWD B . -0.75 -14.76 2.07
C8 AWD B . -1.94 -14.34 2.70
C10 AWD B . -0.69 -13.31 4.50
C1 AWD B . 2.09 -17.02 -4.68
C2 AWD B . 0.86 -15.88 -2.90
C3 AWD B . -0.37 -16.12 -2.02
N2 AWD B . -0.13 -17.10 -0.90
O1 AWD B . 0.65 -17.16 1.37
C9 AWD B . -1.92 -13.62 3.91
C11 AWD B . 0.52 -13.77 3.91
C12 AWD B . 0.50 -14.48 2.70
F1 AWD B . -0.67 -12.52 5.59
S DMS C . 8.75 7.35 -3.06
O DMS C . 8.31 6.35 -2.01
C1 DMS C . 7.36 8.44 -3.31
C2 DMS C . 9.81 8.50 -2.19
S DMS D . -8.91 -2.84 8.29
O DMS D . -8.69 -2.22 9.63
C1 DMS D . -7.74 -2.06 7.22
C2 DMS D . -10.40 -2.10 7.65
C1 EDO E . 15.72 -12.37 10.16
O1 EDO E . 15.73 -11.03 9.70
C2 EDO E . 15.48 -12.45 11.60
O2 EDO E . 14.16 -12.05 11.99
C1 EDO F . 0.71 4.03 -3.33
O1 EDO F . 1.98 4.58 -3.65
C2 EDO F . 0.67 2.56 -3.32
O2 EDO F . 1.12 1.94 -4.52
C1 EDO G . -6.10 6.67 -0.76
O1 EDO G . -6.12 6.99 -2.13
C2 EDO G . -5.69 5.27 -0.44
O2 EDO G . -6.10 4.30 -1.39
C1 EDO H . 11.59 11.54 5.04
O1 EDO H . 12.46 12.39 5.72
C2 EDO H . 11.06 10.50 5.95
O2 EDO H . 9.75 10.00 5.64
C1 EDO I . -8.89 6.43 -24.01
O1 EDO I . -7.90 7.16 -24.77
C2 EDO I . -8.35 5.65 -22.86
O2 EDO I . -8.67 4.25 -22.83
C1 EDO J . -2.56 2.66 0.81
O1 EDO J . -1.81 3.30 -0.20
C2 EDO J . -2.93 1.29 0.40
O2 EDO J . -3.07 1.25 -1.02
#